data_7WR8
#
_entry.id   7WR8
#
_cell.length_a   1.00
_cell.length_b   1.00
_cell.length_c   1.00
_cell.angle_alpha   90.00
_cell.angle_beta   90.00
_cell.angle_gamma   90.00
#
_symmetry.space_group_name_H-M   'P 1'
#
loop_
_entity.id
_entity.type
_entity.pdbx_description
1 polymer 'Spike protein S1'
2 polymer BD55-3152H
3 polymer BD55-3152L
4 branched 2-acetamido-2-deoxy-beta-D-glucopyranose-(1-4)-[alpha-L-fucopyranose-(1-6)]2-acetamido-2-deoxy-beta-D-glucopyranose
#
loop_
_entity_poly.entity_id
_entity_poly.type
_entity_poly.pdbx_seq_one_letter_code
_entity_poly.pdbx_strand_id
1 'polypeptide(L)'
;NLCPFDEVFNATRFASVYAWNRKRISNCVADYSVLYNLAPFFTFKCYGVSPTKLNDLCFTNVYADSFVIRGDEVRQIAPG
QTGNIADYNYKLPDDFTGCVIAWNSNKLDSKVSGNYNYLYRLFRKSNLKPFERDISTEIYQAGNKPCNGVAGFNCYFPLR
SYSFRPTYGVGHQPYRVVVLSFELLHAPATVCG
;
R
2 'polypeptide(L)'
;MGWSLILLFLVAVATRVLSQVQLVQSGAEVKKPGASVIVSCKASGYRFISHYIHWVRQAPGQGLEWMGKIDPSGRGTTYA
QKLQGRVSVTRDTSTSSVYMALSGLRSDDTAVYYCARDRFPLSDPYVWGSPLGGLDVWGQGTTVIVSSASTKGPSVFPLA
PSSKSTSGGTAALGCLVKDYFPEPVTVSWNSGALTSGVHTFPAVLQSSGLYSLSSVVTVPSSSLGTQTYICNVNHKPSNT
KVDKKVEPKSCDKTHHHHHH
;
A
3 'polypeptide(L)'
;MGWSCIILFLVATATGVHSSYDLTQPPSVSVSPGQTARITCSGDALPSQYVYWYQQRPGQAPVLVMYKDSERPPGIPERF
SGSTSGTTATLTITGVQAEDEADYYCQSADASTTYHVFGGGTKVTVVGQPKAAPSVTLFPPSSEELQANKATLVCLISDF
YPGAVTVAWKADSSPVKAGVETTTPSKQSNNKYAASSYLSLTPEQWKSHRSYSCQVTHEGSTVEKTVAPTECS
;
B
#
loop_
_chem_comp.id
_chem_comp.type
_chem_comp.name
_chem_comp.formula
FUC L-saccharide, alpha linking alpha-L-fucopyranose 'C6 H12 O5'
NAG D-saccharide, beta linking 2-acetamido-2-deoxy-beta-D-glucopyranose 'C8 H15 N O6'
#
# COMPACT_ATOMS: atom_id res chain seq x y z
N ASN A 1 -1.67 -24.29 -3.10
CA ASN A 1 -1.59 -23.19 -4.06
C ASN A 1 -1.80 -21.85 -3.38
N LEU A 2 -2.53 -21.87 -2.26
CA LEU A 2 -2.61 -20.76 -1.30
C LEU A 2 -3.18 -19.48 -1.94
N CYS A 3 -4.52 -19.52 -2.19
CA CYS A 3 -5.35 -18.43 -2.72
C CYS A 3 -4.98 -17.07 -2.17
N PRO A 4 -4.91 -16.05 -3.00
CA PRO A 4 -4.50 -14.74 -2.49
C PRO A 4 -5.62 -14.07 -1.75
N PHE A 5 -5.55 -14.14 -0.42
CA PHE A 5 -6.38 -13.31 0.43
C PHE A 5 -5.61 -12.17 1.02
N ASP A 6 -4.31 -12.33 1.21
CA ASP A 6 -3.46 -11.21 1.58
C ASP A 6 -3.34 -10.19 0.46
N GLU A 7 -3.61 -10.57 -0.78
CA GLU A 7 -3.62 -9.63 -1.89
C GLU A 7 -4.85 -8.74 -1.90
N VAL A 8 -5.86 -9.06 -1.10
CA VAL A 8 -7.09 -8.26 -1.06
C VAL A 8 -7.21 -7.58 0.31
N PHE A 9 -6.88 -8.30 1.37
CA PHE A 9 -7.03 -7.77 2.71
C PHE A 9 -5.93 -6.78 3.07
N ASN A 10 -4.70 -7.07 2.70
CA ASN A 10 -3.56 -6.24 3.05
C ASN A 10 -3.18 -5.24 1.97
N ALA A 11 -3.97 -5.11 0.91
CA ALA A 11 -3.71 -4.11 -0.11
C ALA A 11 -3.87 -2.73 0.51
N THR A 12 -2.87 -1.87 0.31
CA THR A 12 -2.82 -0.62 1.04
C THR A 12 -3.82 0.39 0.50
N ARG A 13 -3.96 0.46 -0.82
CA ARG A 13 -4.91 1.37 -1.42
C ARG A 13 -6.22 0.64 -1.66
N PHE A 14 -7.21 0.88 -0.81
CA PHE A 14 -8.56 0.45 -1.07
C PHE A 14 -9.28 1.48 -1.92
N ALA A 15 -9.98 1.00 -2.93
CA ALA A 15 -10.67 1.88 -3.85
C ALA A 15 -11.88 2.49 -3.18
N SER A 16 -12.40 3.56 -3.77
CA SER A 16 -13.58 4.22 -3.26
C SER A 16 -14.80 3.32 -3.43
N VAL A 17 -15.87 3.67 -2.72
CA VAL A 17 -17.03 2.78 -2.65
C VAL A 17 -17.78 2.74 -3.98
N TYR A 18 -17.70 3.80 -4.80
CA TYR A 18 -18.42 3.73 -6.07
C TYR A 18 -17.68 2.86 -7.07
N ALA A 19 -16.37 2.68 -6.87
CA ALA A 19 -15.54 1.96 -7.82
C ALA A 19 -14.79 0.85 -7.12
N TRP A 20 -15.52 0.02 -6.37
CA TRP A 20 -14.95 -1.07 -5.58
C TRP A 20 -14.21 -2.07 -6.46
N ASN A 21 -13.02 -2.45 -6.03
CA ASN A 21 -12.20 -3.37 -6.80
C ASN A 21 -12.62 -4.80 -6.52
N ARG A 22 -12.78 -5.58 -7.57
CA ARG A 22 -13.18 -6.97 -7.48
C ARG A 22 -12.04 -7.86 -7.95
N LYS A 23 -11.67 -8.82 -7.11
CA LYS A 23 -10.53 -9.70 -7.37
C LYS A 23 -11.05 -11.12 -7.52
N ARG A 24 -10.96 -11.68 -8.72
CA ARG A 24 -11.37 -13.06 -8.94
C ARG A 24 -10.38 -14.01 -8.28
N ILE A 25 -10.91 -14.94 -7.49
CA ILE A 25 -10.10 -15.94 -6.81
C ILE A 25 -10.55 -17.31 -7.31
N SER A 26 -9.61 -18.07 -7.88
CA SER A 26 -9.93 -19.37 -8.44
C SER A 26 -8.66 -20.20 -8.54
N ASN A 27 -8.86 -21.51 -8.71
CA ASN A 27 -7.80 -22.49 -8.98
C ASN A 27 -6.72 -22.53 -7.90
N CYS A 28 -7.16 -22.54 -6.65
CA CYS A 28 -6.22 -22.53 -5.55
C CYS A 28 -6.85 -23.19 -4.32
N VAL A 29 -6.17 -23.09 -3.19
CA VAL A 29 -6.63 -23.63 -1.92
C VAL A 29 -6.68 -22.48 -0.94
N ALA A 30 -7.88 -22.15 -0.46
CA ALA A 30 -8.07 -20.99 0.39
C ALA A 30 -8.02 -21.40 1.85
N ASP A 31 -7.09 -20.83 2.59
CA ASP A 31 -6.97 -21.05 4.02
C ASP A 31 -7.65 -19.88 4.71
N TYR A 32 -8.78 -20.14 5.35
CA TYR A 32 -9.59 -19.11 6.00
C TYR A 32 -9.22 -18.93 7.46
N SER A 33 -8.12 -19.53 7.93
CA SER A 33 -7.76 -19.41 9.33
C SER A 33 -7.19 -18.04 9.69
N VAL A 34 -6.91 -17.20 8.70
CA VAL A 34 -6.43 -15.85 8.97
C VAL A 34 -7.60 -14.89 8.98
N LEU A 35 -8.81 -15.42 9.08
CA LEU A 35 -10.03 -14.61 9.08
C LEU A 35 -10.92 -14.89 10.28
N TYR A 36 -10.46 -15.69 11.23
CA TYR A 36 -11.12 -15.72 12.54
C TYR A 36 -10.13 -15.73 13.70
N ASN A 37 -8.87 -15.41 13.43
CA ASN A 37 -7.89 -15.09 14.46
C ASN A 37 -7.72 -13.59 14.62
N LEU A 38 -8.80 -12.84 14.48
CA LEU A 38 -8.74 -11.42 14.14
C LEU A 38 -8.39 -10.55 15.34
N ALA A 39 -7.88 -9.37 15.04
CA ALA A 39 -7.71 -8.29 15.99
C ALA A 39 -9.06 -7.80 16.47
N PRO A 40 -9.16 -7.29 17.69
CA PRO A 40 -10.50 -7.08 18.27
C PRO A 40 -11.26 -5.85 17.79
N PHE A 41 -11.44 -5.64 16.49
CA PHE A 41 -12.51 -4.71 16.12
C PHE A 41 -13.21 -5.22 14.85
N PHE A 42 -12.70 -6.29 14.26
CA PHE A 42 -13.21 -6.82 13.00
C PHE A 42 -14.62 -7.38 13.16
N THR A 43 -15.37 -7.37 12.05
CA THR A 43 -16.82 -7.51 12.08
C THR A 43 -17.21 -8.62 11.09
N PHE A 44 -16.64 -9.79 11.32
CA PHE A 44 -16.77 -10.94 10.44
C PHE A 44 -18.18 -11.50 10.44
N LYS A 45 -19.04 -10.99 9.56
CA LYS A 45 -20.43 -11.42 9.47
C LYS A 45 -20.65 -12.19 8.18
N CYS A 46 -21.14 -13.42 8.29
CA CYS A 46 -21.38 -14.28 7.15
C CYS A 46 -22.87 -14.51 6.95
N TYR A 47 -23.29 -14.56 5.70
CA TYR A 47 -24.68 -14.75 5.32
C TYR A 47 -24.77 -15.97 4.43
N GLY A 48 -25.13 -17.12 5.00
CA GLY A 48 -25.28 -18.36 4.27
C GLY A 48 -24.27 -19.43 4.62
N VAL A 49 -23.18 -19.06 5.28
CA VAL A 49 -22.22 -20.02 5.82
C VAL A 49 -21.99 -19.67 7.28
N SER A 50 -21.07 -20.38 7.91
CA SER A 50 -20.67 -20.02 9.26
C SER A 50 -19.15 -19.90 9.31
N PRO A 51 -18.60 -18.95 10.11
CA PRO A 51 -17.16 -18.70 10.12
C PRO A 51 -16.26 -19.88 10.46
N THR A 52 -16.71 -20.76 11.35
CA THR A 52 -15.89 -21.92 11.69
C THR A 52 -16.04 -23.07 10.71
N LYS A 53 -16.89 -22.92 9.69
CA LYS A 53 -17.16 -23.99 8.74
C LYS A 53 -16.81 -23.61 7.31
N LEU A 54 -15.88 -22.67 7.13
CA LEU A 54 -15.50 -22.27 5.78
C LEU A 54 -14.39 -23.14 5.21
N ASN A 55 -13.63 -23.83 6.06
CA ASN A 55 -12.50 -24.60 5.59
C ASN A 55 -12.93 -25.86 4.86
N ASP A 56 -13.91 -26.58 5.40
CA ASP A 56 -14.35 -27.86 4.83
C ASP A 56 -15.43 -27.67 3.77
N LEU A 57 -15.11 -26.84 2.78
CA LEU A 57 -16.03 -26.53 1.70
C LEU A 57 -15.23 -26.24 0.44
N CYS A 58 -15.89 -26.35 -0.70
CA CYS A 58 -15.31 -25.90 -1.96
C CYS A 58 -16.31 -25.03 -2.71
N PHE A 59 -15.86 -23.85 -3.11
CA PHE A 59 -16.65 -22.88 -3.84
C PHE A 59 -16.22 -22.86 -5.29
N THR A 60 -17.16 -22.51 -6.17
CA THR A 60 -16.85 -22.45 -7.60
C THR A 60 -15.98 -21.23 -7.92
N ASN A 61 -16.52 -20.05 -7.69
CA ASN A 61 -15.78 -18.80 -7.89
C ASN A 61 -15.97 -17.93 -6.65
N VAL A 62 -14.87 -17.37 -6.17
CA VAL A 62 -14.88 -16.50 -5.00
C VAL A 62 -14.51 -15.09 -5.45
N TYR A 63 -15.31 -14.12 -5.05
CA TYR A 63 -15.13 -12.73 -5.42
C TYR A 63 -14.91 -11.91 -4.16
N ALA A 64 -13.98 -10.97 -4.20
CA ALA A 64 -13.61 -10.20 -3.02
C ALA A 64 -13.66 -8.71 -3.31
N ASP A 65 -14.82 -8.10 -3.12
CA ASP A 65 -14.99 -6.67 -3.33
C ASP A 65 -14.49 -5.92 -2.11
N SER A 66 -13.70 -4.87 -2.32
CA SER A 66 -13.14 -4.11 -1.22
C SER A 66 -13.33 -2.62 -1.44
N PHE A 67 -13.67 -1.90 -0.38
CA PHE A 67 -13.93 -0.46 -0.48
C PHE A 67 -13.81 0.14 0.92
N VAL A 68 -14.09 1.45 1.01
CA VAL A 68 -13.99 2.21 2.25
C VAL A 68 -15.27 3.00 2.45
N ILE A 69 -15.94 2.80 3.59
CA ILE A 69 -17.18 3.50 3.91
C ILE A 69 -17.09 4.03 5.33
N ARG A 70 -18.07 4.87 5.69
CA ARG A 70 -18.17 5.36 7.04
C ARG A 70 -18.57 4.24 7.99
N GLY A 71 -18.33 4.45 9.27
CA GLY A 71 -18.59 3.46 10.29
C GLY A 71 -20.03 3.07 10.45
N ASP A 72 -20.94 4.04 10.40
CA ASP A 72 -22.35 3.73 10.58
C ASP A 72 -22.99 3.16 9.31
N GLU A 73 -22.26 3.13 8.21
CA GLU A 73 -22.76 2.57 6.96
C GLU A 73 -22.29 1.14 6.70
N VAL A 74 -21.64 0.50 7.67
CA VAL A 74 -21.35 -0.92 7.54
C VAL A 74 -22.63 -1.74 7.61
N ARG A 75 -23.62 -1.25 8.36
CA ARG A 75 -24.96 -1.82 8.39
C ARG A 75 -25.61 -1.83 7.01
N GLN A 76 -25.30 -0.84 6.18
CA GLN A 76 -25.75 -0.84 4.78
C GLN A 76 -25.14 -1.96 3.96
N ILE A 77 -23.95 -2.43 4.31
CA ILE A 77 -23.34 -3.56 3.58
C ILE A 77 -23.87 -4.82 4.25
N ALA A 78 -25.05 -5.23 3.79
CA ALA A 78 -25.83 -6.34 4.30
C ALA A 78 -26.84 -6.67 3.23
N PRO A 79 -27.33 -7.91 3.14
CA PRO A 79 -28.31 -8.22 2.09
C PRO A 79 -29.67 -7.60 2.38
N GLY A 80 -30.25 -7.00 1.35
CA GLY A 80 -31.59 -6.43 1.44
C GLY A 80 -31.72 -5.23 2.37
N GLN A 81 -30.77 -4.31 2.33
CA GLN A 81 -30.81 -3.10 3.14
C GLN A 81 -30.92 -1.89 2.23
N THR A 82 -31.51 -0.81 2.75
CA THR A 82 -31.72 0.40 1.98
C THR A 82 -31.15 1.59 2.73
N GLY A 83 -30.26 2.34 2.08
CA GLY A 83 -29.72 3.57 2.59
C GLY A 83 -29.19 4.39 1.44
N ASN A 84 -27.97 4.93 1.57
CA ASN A 84 -27.31 5.56 0.43
C ASN A 84 -26.23 4.67 -0.18
N ILE A 85 -25.39 4.06 0.67
CA ILE A 85 -24.32 3.17 0.19
C ILE A 85 -24.91 1.94 -0.48
N ALA A 86 -26.01 1.42 0.07
CA ALA A 86 -26.67 0.29 -0.55
C ALA A 86 -27.40 0.69 -1.82
N ASP A 87 -28.12 1.80 -1.80
CA ASP A 87 -28.98 2.16 -2.93
C ASP A 87 -28.16 2.61 -4.14
N TYR A 88 -27.19 3.51 -3.92
CA TYR A 88 -26.52 4.15 -5.04
C TYR A 88 -25.08 3.70 -5.27
N ASN A 89 -24.47 3.01 -4.31
CA ASN A 89 -23.05 2.69 -4.40
C ASN A 89 -22.79 1.18 -4.50
N TYR A 90 -23.28 0.39 -3.56
CA TYR A 90 -22.96 -1.03 -3.52
C TYR A 90 -24.16 -1.80 -2.97
N LYS A 91 -24.94 -2.40 -3.86
CA LYS A 91 -26.05 -3.27 -3.49
C LYS A 91 -25.58 -4.71 -3.45
N LEU A 92 -25.53 -5.28 -2.25
CA LEU A 92 -25.45 -6.71 -2.12
C LEU A 92 -26.78 -7.32 -2.56
N PRO A 93 -26.78 -8.52 -3.15
CA PRO A 93 -28.04 -9.11 -3.61
C PRO A 93 -28.92 -9.54 -2.46
N ASP A 94 -30.17 -9.88 -2.81
CA ASP A 94 -31.10 -10.40 -1.82
C ASP A 94 -30.65 -11.75 -1.29
N ASP A 95 -30.20 -12.63 -2.19
CA ASP A 95 -29.70 -13.95 -1.82
C ASP A 95 -28.18 -13.88 -1.81
N PHE A 96 -27.63 -13.41 -0.70
CA PHE A 96 -26.20 -13.33 -0.52
C PHE A 96 -25.67 -14.63 0.08
N THR A 97 -24.49 -15.05 -0.37
CA THR A 97 -23.96 -16.34 0.01
C THR A 97 -22.55 -16.27 0.59
N GLY A 98 -22.05 -15.07 0.88
CA GLY A 98 -20.67 -14.93 1.31
C GLY A 98 -20.50 -14.41 2.72
N CYS A 99 -19.47 -13.60 2.94
CA CYS A 99 -19.23 -12.99 4.24
C CYS A 99 -18.90 -11.52 4.03
N VAL A 100 -19.20 -10.70 5.03
CA VAL A 100 -18.96 -9.26 4.97
C VAL A 100 -18.03 -8.91 6.10
N ILE A 101 -16.83 -8.44 5.76
CA ILE A 101 -15.75 -8.25 6.71
C ILE A 101 -15.41 -6.76 6.73
N ALA A 102 -15.50 -6.14 7.90
CA ALA A 102 -15.23 -4.72 8.02
C ALA A 102 -14.42 -4.49 9.28
N TRP A 103 -13.43 -3.62 9.22
CA TRP A 103 -12.64 -3.28 10.38
C TRP A 103 -12.47 -1.77 10.44
N ASN A 104 -12.25 -1.24 11.64
CA ASN A 104 -11.98 0.17 11.79
C ASN A 104 -10.67 0.52 11.14
N SER A 105 -10.66 1.59 10.39
CA SER A 105 -9.43 2.25 10.01
C SER A 105 -9.62 3.72 10.31
N ASN A 106 -9.44 4.09 11.57
CA ASN A 106 -9.31 5.50 11.90
C ASN A 106 -7.90 5.96 11.61
N LYS A 107 -6.97 5.02 11.51
CA LYS A 107 -5.73 5.25 10.82
C LYS A 107 -5.98 5.10 9.33
N LEU A 108 -4.92 5.25 8.54
CA LEU A 108 -4.74 4.77 7.19
C LEU A 108 -5.57 5.49 6.13
N ASP A 109 -6.62 6.19 6.53
CA ASP A 109 -7.55 6.85 5.62
C ASP A 109 -7.96 8.20 6.19
N SER A 110 -7.08 8.78 6.97
CA SER A 110 -7.51 9.89 7.81
C SER A 110 -6.35 10.85 7.98
N LYS A 111 -6.40 11.96 7.25
CA LYS A 111 -5.46 13.04 7.44
C LYS A 111 -6.04 14.04 8.44
N VAL A 112 -5.15 14.87 9.00
CA VAL A 112 -5.60 15.95 9.86
C VAL A 112 -6.36 17.00 9.05
N SER A 113 -6.01 17.17 7.78
CA SER A 113 -6.80 18.01 6.88
C SER A 113 -8.03 17.26 6.37
N GLY A 114 -8.01 15.93 6.41
CA GLY A 114 -9.13 15.15 5.94
C GLY A 114 -8.93 14.62 4.54
N ASN A 115 -9.04 13.31 4.38
CA ASN A 115 -8.76 12.67 3.11
C ASN A 115 -10.01 12.73 2.25
N TYR A 116 -10.02 13.64 1.29
CA TYR A 116 -11.12 13.75 0.32
C TYR A 116 -10.90 12.87 -0.90
N ASN A 117 -10.12 11.81 -0.77
CA ASN A 117 -9.81 10.92 -1.87
C ASN A 117 -10.93 9.90 -2.05
N TYR A 118 -11.75 9.68 -1.02
CA TYR A 118 -12.82 8.69 -1.08
C TYR A 118 -14.13 9.38 -1.41
N LEU A 119 -14.81 8.89 -2.44
CA LEU A 119 -16.03 9.50 -2.96
C LEU A 119 -17.15 8.47 -2.96
N TYR A 120 -18.36 8.91 -2.63
CA TYR A 120 -19.55 8.08 -2.70
C TYR A 120 -20.59 8.78 -3.55
N ARG A 121 -21.29 8.00 -4.38
CA ARG A 121 -22.28 8.55 -5.30
C ARG A 121 -23.54 8.92 -4.54
N LEU A 122 -23.70 10.21 -4.24
CA LEU A 122 -24.83 10.64 -3.43
C LEU A 122 -26.14 10.68 -4.22
N PHE A 123 -26.10 11.12 -5.47
CA PHE A 123 -27.28 11.23 -6.32
C PHE A 123 -27.16 10.29 -7.51
N ARG A 124 -28.24 9.56 -7.78
CA ARG A 124 -28.35 8.74 -8.98
C ARG A 124 -29.80 8.77 -9.42
N LYS A 125 -30.02 8.48 -10.72
CA LYS A 125 -31.37 8.42 -11.26
C LYS A 125 -32.16 7.28 -10.66
N SER A 126 -31.57 6.09 -10.64
CA SER A 126 -32.26 4.89 -10.17
C SER A 126 -31.34 4.12 -9.23
N ASN A 127 -31.93 3.19 -8.49
CA ASN A 127 -31.15 2.34 -7.61
C ASN A 127 -30.36 1.31 -8.42
N LEU A 128 -29.36 0.72 -7.79
CA LEU A 128 -28.45 -0.15 -8.48
C LEU A 128 -28.97 -1.59 -8.55
N LYS A 129 -28.61 -2.27 -9.64
CA LYS A 129 -28.69 -3.71 -9.69
C LYS A 129 -27.69 -4.30 -8.69
N PRO A 130 -27.93 -5.51 -8.19
CA PRO A 130 -26.90 -6.13 -7.34
C PRO A 130 -25.63 -6.45 -8.11
N PHE A 131 -24.50 -6.09 -7.48
CA PHE A 131 -23.15 -6.16 -8.07
C PHE A 131 -23.07 -5.38 -9.38
N GLU A 132 -23.68 -4.20 -9.41
CA GLU A 132 -23.53 -3.25 -10.50
C GLU A 132 -22.54 -2.18 -10.08
N ARG A 133 -21.83 -1.63 -11.05
CA ARG A 133 -20.82 -0.61 -10.79
C ARG A 133 -21.01 0.54 -11.75
N ASP A 134 -21.34 1.71 -11.23
CA ASP A 134 -21.50 2.92 -12.02
C ASP A 134 -20.35 3.84 -11.64
N ILE A 135 -19.34 3.91 -12.51
CA ILE A 135 -18.13 4.68 -12.23
C ILE A 135 -18.19 6.09 -12.83
N SER A 136 -19.18 6.38 -13.66
CA SER A 136 -19.17 7.61 -14.45
C SER A 136 -19.47 8.83 -13.59
N THR A 137 -18.82 9.95 -13.91
CA THR A 137 -18.98 11.22 -13.22
C THR A 137 -20.00 12.12 -13.92
N GLU A 138 -21.00 11.54 -14.58
CA GLU A 138 -21.93 12.31 -15.38
C GLU A 138 -22.85 13.16 -14.49
N ILE A 139 -23.18 14.35 -14.97
CA ILE A 139 -23.96 15.30 -14.20
C ILE A 139 -25.43 14.85 -14.19
N TYR A 140 -26.00 14.73 -12.99
CA TYR A 140 -27.37 14.27 -12.83
C TYR A 140 -28.31 15.47 -12.82
N GLN A 141 -29.17 15.54 -13.84
CA GLN A 141 -30.15 16.62 -13.96
C GLN A 141 -31.34 16.29 -13.07
N ALA A 142 -31.69 17.22 -12.18
CA ALA A 142 -32.65 16.94 -11.10
C ALA A 142 -33.79 17.95 -11.06
N GLY A 143 -34.41 18.25 -12.19
CA GLY A 143 -35.56 19.13 -12.20
C GLY A 143 -35.96 19.56 -13.60
N ASN A 144 -36.22 20.86 -13.74
CA ASN A 144 -37.00 21.44 -14.82
C ASN A 144 -36.42 21.28 -16.24
N LYS A 145 -35.23 21.82 -16.50
CA LYS A 145 -34.64 21.78 -17.84
C LYS A 145 -33.28 21.12 -17.80
N PRO A 146 -33.13 19.89 -18.32
CA PRO A 146 -31.81 19.27 -18.37
C PRO A 146 -30.89 19.97 -19.36
N CYS A 147 -29.93 20.72 -18.83
CA CYS A 147 -29.00 21.46 -19.67
C CYS A 147 -27.80 20.61 -20.02
N ASN A 148 -26.89 21.19 -20.81
CA ASN A 148 -25.73 20.48 -21.34
C ASN A 148 -24.75 20.03 -20.27
N GLY A 149 -24.11 20.98 -19.58
CA GLY A 149 -23.11 20.61 -18.60
C GLY A 149 -22.94 21.54 -17.43
N VAL A 150 -23.94 22.39 -17.16
CA VAL A 150 -23.81 23.37 -16.09
C VAL A 150 -23.88 22.67 -14.74
N ALA A 151 -22.94 23.00 -13.85
CA ALA A 151 -22.82 22.35 -12.55
C ALA A 151 -23.66 23.11 -11.53
N GLY A 152 -24.45 22.37 -10.76
CA GLY A 152 -25.23 22.93 -9.68
C GLY A 152 -26.64 23.33 -10.09
N PHE A 153 -27.45 23.65 -9.07
CA PHE A 153 -28.80 24.21 -9.18
C PHE A 153 -29.72 23.29 -9.98
N ASN A 154 -30.00 22.14 -9.35
CA ASN A 154 -30.75 20.99 -9.86
C ASN A 154 -30.04 20.32 -11.03
N CYS A 155 -28.74 20.54 -11.16
CA CYS A 155 -27.85 19.91 -12.11
C CYS A 155 -26.57 19.51 -11.39
N TYR A 156 -26.74 18.80 -10.28
CA TYR A 156 -25.73 18.62 -9.26
C TYR A 156 -24.58 17.71 -9.71
N PHE A 157 -23.49 17.78 -8.95
CA PHE A 157 -22.38 16.84 -9.04
C PHE A 157 -22.71 15.62 -8.19
N PRO A 158 -22.77 14.41 -8.76
CA PRO A 158 -23.16 13.25 -7.93
C PRO A 158 -22.13 12.83 -6.89
N LEU A 159 -20.87 12.63 -7.29
CA LEU A 159 -19.89 12.00 -6.41
C LEU A 159 -19.38 13.00 -5.38
N ARG A 160 -20.16 13.17 -4.32
CA ARG A 160 -19.68 13.94 -3.18
C ARG A 160 -18.72 13.09 -2.36
N SER A 161 -17.62 13.70 -1.94
CA SER A 161 -16.55 12.97 -1.26
C SER A 161 -16.79 12.98 0.24
N TYR A 162 -16.22 11.99 0.92
CA TYR A 162 -16.27 12.00 2.38
C TYR A 162 -15.30 13.02 2.93
N SER A 163 -15.39 13.21 4.25
CA SER A 163 -14.37 13.90 5.03
C SER A 163 -14.08 12.93 6.17
N PHE A 164 -12.80 12.59 6.37
CA PHE A 164 -12.43 11.51 7.27
C PHE A 164 -11.46 11.96 8.36
N ARG A 165 -11.67 13.10 9.03
CA ARG A 165 -10.78 13.61 10.07
C ARG A 165 -10.68 12.63 11.23
N PRO A 166 -9.52 12.47 11.87
CA PRO A 166 -9.39 11.46 12.93
C PRO A 166 -10.07 11.85 14.23
N THR A 167 -10.54 13.07 14.38
CA THR A 167 -11.26 13.47 15.58
C THR A 167 -12.77 13.29 15.44
N TYR A 168 -13.22 12.70 14.34
CA TYR A 168 -14.63 12.37 14.21
C TYR A 168 -15.00 11.20 15.11
N GLY A 169 -16.31 10.98 15.21
CA GLY A 169 -16.83 9.97 16.10
C GLY A 169 -16.63 8.57 15.56
N VAL A 170 -16.98 7.59 16.40
CA VAL A 170 -16.83 6.18 16.06
C VAL A 170 -17.70 5.77 14.87
N GLY A 171 -18.87 6.38 14.73
CA GLY A 171 -19.73 6.04 13.61
C GLY A 171 -19.41 6.78 12.33
N HIS A 172 -18.35 7.60 12.34
CA HIS A 172 -17.94 8.34 11.14
C HIS A 172 -16.53 8.05 10.67
N GLN A 173 -15.73 7.31 11.43
CA GLN A 173 -14.40 6.94 10.99
C GLN A 173 -14.49 5.96 9.82
N PRO A 174 -13.53 5.98 8.90
CA PRO A 174 -13.66 5.13 7.71
C PRO A 174 -13.39 3.67 8.01
N TYR A 175 -14.37 2.83 7.69
CA TYR A 175 -14.33 1.42 8.01
C TYR A 175 -14.03 0.70 6.71
N ARG A 176 -12.81 0.18 6.59
CA ARG A 176 -12.45 -0.59 5.40
C ARG A 176 -13.24 -1.87 5.36
N VAL A 177 -13.84 -2.18 4.22
CA VAL A 177 -14.75 -3.29 4.09
C VAL A 177 -14.26 -4.22 3.00
N VAL A 178 -14.24 -5.52 3.27
CA VAL A 178 -13.95 -6.54 2.25
C VAL A 178 -15.12 -7.51 2.24
N VAL A 179 -15.73 -7.69 1.07
CA VAL A 179 -16.94 -8.51 0.96
C VAL A 179 -16.68 -9.76 0.16
N LEU A 180 -16.40 -10.87 0.83
CA LEU A 180 -16.25 -12.14 0.12
C LEU A 180 -17.60 -12.61 -0.38
N SER A 181 -17.64 -13.09 -1.61
CA SER A 181 -18.85 -13.65 -2.20
C SER A 181 -18.53 -14.98 -2.84
N PHE A 182 -19.37 -15.97 -2.59
CA PHE A 182 -19.10 -17.32 -3.09
C PHE A 182 -20.11 -17.72 -4.15
N ALA A 189 -15.75 -26.96 -9.00
CA ALA A 189 -15.27 -26.23 -7.84
C ALA A 189 -13.76 -26.14 -7.85
N THR A 190 -13.24 -24.93 -7.63
CA THR A 190 -11.81 -24.67 -7.69
C THR A 190 -11.22 -24.26 -6.35
N VAL A 191 -11.80 -23.25 -5.71
CA VAL A 191 -11.35 -22.79 -4.40
C VAL A 191 -11.78 -23.79 -3.35
N CYS A 192 -10.83 -24.30 -2.57
CA CYS A 192 -11.14 -25.31 -1.54
C CYS A 192 -10.40 -24.95 -0.26
N GLY A 193 -10.38 -25.89 0.68
CA GLY A 193 -9.70 -25.70 1.95
C GLY A 193 -8.93 -26.93 2.41
N VAL B 21 15.73 11.78 15.06
CA VAL B 21 15.91 10.34 14.84
C VAL B 21 17.11 10.11 13.92
N GLN B 22 17.80 8.98 14.15
CA GLN B 22 19.01 8.63 13.43
C GLN B 22 19.27 7.14 13.61
N LEU B 23 19.94 6.54 12.63
CA LEU B 23 20.23 5.10 12.61
C LEU B 23 21.72 4.89 12.38
N VAL B 24 22.35 4.10 13.25
CA VAL B 24 23.80 3.89 13.23
C VAL B 24 24.11 2.61 12.47
N GLN B 25 25.11 2.65 11.61
CA GLN B 25 25.52 1.51 10.81
C GLN B 25 26.90 1.01 11.23
N SER B 26 27.25 -0.17 10.72
CA SER B 26 28.55 -0.77 10.96
C SER B 26 29.58 -0.18 10.00
N GLY B 27 30.81 -0.68 10.07
CA GLY B 27 31.90 -0.15 9.27
C GLY B 27 32.06 -0.90 7.97
N ALA B 28 32.92 -0.36 7.10
CA ALA B 28 33.27 -1.03 5.85
C ALA B 28 34.03 -2.31 6.14
N GLU B 29 33.82 -3.32 5.30
CA GLU B 29 34.37 -4.64 5.54
C GLU B 29 34.67 -5.35 4.22
N VAL B 30 35.64 -6.26 4.28
CA VAL B 30 36.05 -7.06 3.13
C VAL B 30 35.95 -8.52 3.56
N LYS B 31 35.19 -9.31 2.81
CA LYS B 31 34.95 -10.70 3.18
C LYS B 31 35.37 -11.63 2.06
N LYS B 32 35.22 -12.93 2.32
CA LYS B 32 35.44 -14.01 1.38
C LYS B 32 34.12 -14.75 1.16
N PRO B 33 33.95 -15.42 0.00
CA PRO B 33 32.73 -16.22 -0.21
C PRO B 33 32.53 -17.32 0.82
N GLY B 34 31.50 -17.18 1.65
CA GLY B 34 31.29 -18.01 2.80
C GLY B 34 30.58 -17.25 3.91
N ALA B 35 31.14 -17.27 5.12
CA ALA B 35 30.53 -16.53 6.23
C ALA B 35 30.79 -15.04 6.08
N SER B 36 29.71 -14.27 5.95
CA SER B 36 29.90 -12.92 5.44
C SER B 36 29.54 -11.77 6.38
N VAL B 37 28.28 -11.66 6.81
CA VAL B 37 27.83 -10.40 7.41
C VAL B 37 27.05 -10.62 8.71
N ILE B 38 27.43 -9.81 9.71
CA ILE B 38 26.67 -9.60 10.95
C ILE B 38 26.49 -8.07 11.01
N VAL B 39 26.17 -7.46 9.85
CA VAL B 39 26.04 -6.00 9.78
C VAL B 39 24.92 -5.51 10.70
N SER B 40 25.19 -4.43 11.43
CA SER B 40 24.38 -4.01 12.55
C SER B 40 23.71 -2.68 12.28
N CYS B 41 22.52 -2.51 12.84
CA CYS B 41 21.74 -1.28 12.72
C CYS B 41 21.28 -0.86 14.11
N LYS B 42 22.12 -0.15 14.83
CA LYS B 42 21.80 0.30 16.18
C LYS B 42 20.88 1.52 16.06
N ALA B 43 19.64 1.38 16.49
CA ALA B 43 18.69 2.47 16.35
C ALA B 43 18.64 3.29 17.64
N SER B 44 18.05 4.48 17.55
CA SER B 44 18.00 5.38 18.69
C SER B 44 16.84 6.36 18.51
N GLY B 45 16.48 7.00 19.62
CA GLY B 45 15.51 8.09 19.59
C GLY B 45 14.07 7.66 19.57
N TYR B 46 13.61 7.14 18.44
CA TYR B 46 12.23 6.74 18.28
C TYR B 46 11.92 5.49 19.09
N ARG B 47 10.63 5.26 19.32
CA ARG B 47 10.17 4.07 20.03
C ARG B 47 10.39 2.85 19.14
N PHE B 48 11.27 1.95 19.57
CA PHE B 48 11.81 0.89 18.71
C PHE B 48 10.76 -0.13 18.31
N ILE B 49 9.67 -0.23 19.06
CA ILE B 49 8.67 -1.27 18.83
C ILE B 49 7.56 -0.77 17.93
N SER B 50 7.78 0.35 17.24
CA SER B 50 6.73 0.95 16.41
C SER B 50 6.93 0.66 14.93
N HIS B 51 8.08 1.06 14.36
CA HIS B 51 8.29 0.98 12.93
C HIS B 51 8.99 -0.30 12.53
N TYR B 52 8.65 -0.80 11.34
CA TYR B 52 9.40 -1.86 10.67
C TYR B 52 10.81 -1.40 10.34
N ILE B 53 11.70 -2.32 9.97
CA ILE B 53 13.03 -1.94 9.52
C ILE B 53 13.32 -2.71 8.24
N HIS B 54 13.58 -2.00 7.15
CA HIS B 54 13.86 -2.61 5.87
C HIS B 54 15.35 -2.55 5.58
N TRP B 55 15.85 -3.59 4.92
CA TRP B 55 17.24 -3.64 4.50
C TRP B 55 17.30 -3.63 2.99
N VAL B 56 18.05 -2.70 2.42
CA VAL B 56 18.12 -2.50 0.97
C VAL B 56 19.58 -2.50 0.54
N ARG B 57 19.90 -3.27 -0.50
CA ARG B 57 21.24 -3.32 -1.06
C ARG B 57 21.28 -2.66 -2.42
N GLN B 58 22.48 -2.23 -2.83
CA GLN B 58 22.68 -1.55 -4.10
C GLN B 58 24.02 -2.00 -4.69
N ALA B 59 23.97 -2.70 -5.82
CA ALA B 59 25.19 -3.00 -6.56
C ALA B 59 25.77 -1.71 -7.11
N PRO B 60 27.11 -1.55 -7.14
CA PRO B 60 27.71 -0.25 -7.52
C PRO B 60 27.42 0.16 -8.96
N GLY B 61 26.64 1.21 -9.11
CA GLY B 61 26.18 1.65 -10.40
C GLY B 61 24.90 1.02 -10.86
N GLN B 62 24.18 0.32 -9.98
CA GLN B 62 22.95 -0.34 -10.40
C GLN B 62 21.75 0.19 -9.60
N GLY B 63 20.58 -0.38 -9.86
CA GLY B 63 19.40 0.05 -9.16
C GLY B 63 19.37 -0.47 -7.74
N LEU B 64 18.59 0.21 -6.90
CA LEU B 64 18.34 -0.27 -5.55
C LEU B 64 17.46 -1.51 -5.64
N GLU B 65 17.72 -2.47 -4.77
CA GLU B 65 16.83 -3.62 -4.67
C GLU B 65 16.69 -4.05 -3.21
N TRP B 66 15.47 -4.44 -2.87
CA TRP B 66 15.02 -4.62 -1.50
C TRP B 66 15.29 -6.04 -1.02
N MET B 67 15.90 -6.17 0.16
CA MET B 67 16.26 -7.48 0.69
C MET B 67 15.23 -8.03 1.67
N GLY B 68 15.03 -7.36 2.79
CA GLY B 68 14.19 -7.95 3.82
C GLY B 68 13.65 -6.91 4.77
N LYS B 69 12.57 -7.29 5.45
CA LYS B 69 11.96 -6.44 6.45
C LYS B 69 11.83 -7.22 7.75
N ILE B 70 12.04 -6.51 8.86
CA ILE B 70 11.98 -7.08 10.20
C ILE B 70 11.04 -6.23 11.07
N ASP B 71 10.17 -6.90 11.80
CA ASP B 71 9.34 -6.26 12.81
C ASP B 71 10.07 -6.34 14.14
N PRO B 72 10.35 -5.23 14.82
CA PRO B 72 11.15 -5.31 16.05
C PRO B 72 10.43 -5.93 17.22
N SER B 73 9.11 -6.08 17.15
CA SER B 73 8.35 -6.77 18.19
C SER B 73 8.24 -8.25 17.91
N GLY B 74 9.00 -8.77 16.96
CA GLY B 74 9.07 -10.21 16.76
C GLY B 74 7.83 -10.79 16.11
N ARG B 75 7.06 -9.94 15.43
CA ARG B 75 5.79 -10.35 14.87
C ARG B 75 5.92 -10.94 13.48
N GLY B 76 7.11 -10.96 12.90
CA GLY B 76 7.32 -11.60 11.62
C GLY B 76 8.54 -11.07 10.89
N THR B 77 9.11 -11.93 10.07
CA THR B 77 10.21 -11.59 9.17
C THR B 77 9.76 -11.91 7.75
N THR B 78 10.31 -11.18 6.79
CA THR B 78 10.05 -11.46 5.37
C THR B 78 11.24 -10.99 4.55
N TYR B 79 11.82 -11.91 3.78
CA TYR B 79 12.97 -11.61 2.94
C TYR B 79 12.56 -11.70 1.47
N ALA B 80 13.43 -11.23 0.59
CA ALA B 80 13.08 -11.10 -0.83
C ALA B 80 12.96 -12.48 -1.48
N GLN B 81 12.22 -12.51 -2.60
CA GLN B 81 11.91 -13.78 -3.25
C GLN B 81 13.13 -14.40 -3.90
N LYS B 82 13.99 -13.59 -4.51
CA LYS B 82 15.19 -14.09 -5.15
C LYS B 82 16.37 -14.20 -4.19
N LEU B 83 16.18 -13.86 -2.92
CA LEU B 83 17.22 -14.00 -1.91
C LEU B 83 16.79 -14.91 -0.77
N GLN B 84 15.84 -15.80 -1.01
CA GLN B 84 15.28 -16.60 0.08
C GLN B 84 16.23 -17.74 0.45
N GLY B 85 16.37 -17.96 1.75
CA GLY B 85 17.22 -19.01 2.26
C GLY B 85 18.68 -18.65 2.36
N ARG B 86 19.07 -17.48 1.89
CA ARG B 86 20.45 -17.02 1.95
C ARG B 86 20.66 -15.89 2.94
N VAL B 87 19.66 -15.04 3.15
CA VAL B 87 19.75 -13.92 4.09
C VAL B 87 18.73 -14.15 5.19
N SER B 88 19.16 -13.91 6.43
CA SER B 88 18.26 -13.99 7.58
C SER B 88 18.60 -12.86 8.53
N VAL B 89 17.58 -12.13 8.98
CA VAL B 89 17.79 -11.03 9.90
C VAL B 89 17.61 -11.54 11.33
N THR B 90 18.16 -10.79 12.28
CA THR B 90 18.06 -11.15 13.69
C THR B 90 17.76 -9.92 14.51
N ARG B 91 16.69 -9.99 15.28
CA ARG B 91 16.24 -8.88 16.11
C ARG B 91 17.00 -8.90 17.44
N ASP B 92 17.15 -7.71 18.06
CA ASP B 92 17.52 -7.66 19.48
C ASP B 92 16.80 -6.47 20.13
N THR B 93 15.91 -6.79 21.08
CA THR B 93 15.25 -5.74 21.86
C THR B 93 16.21 -5.02 22.80
N SER B 94 17.18 -5.74 23.35
CA SER B 94 17.94 -5.23 24.49
C SER B 94 18.90 -4.11 24.08
N THR B 95 19.63 -4.31 22.99
CA THR B 95 20.58 -3.32 22.51
C THR B 95 19.98 -2.33 21.54
N SER B 96 18.69 -2.50 21.21
CA SER B 96 17.95 -1.71 20.21
C SER B 96 18.69 -1.73 18.86
N SER B 97 18.90 -2.93 18.36
CA SER B 97 19.67 -3.15 17.14
C SER B 97 19.10 -4.34 16.39
N VAL B 98 19.42 -4.42 15.10
CA VAL B 98 18.98 -5.52 14.25
C VAL B 98 20.13 -5.91 13.32
N TYR B 99 20.29 -7.20 13.05
CA TYR B 99 21.41 -7.74 12.30
C TYR B 99 20.93 -8.40 11.01
N MET B 100 21.88 -8.69 10.12
CA MET B 100 21.69 -9.66 9.05
C MET B 100 22.49 -10.93 9.30
N ALA B 101 22.25 -11.91 8.42
CA ALA B 101 23.08 -13.10 8.33
C ALA B 101 22.98 -13.62 6.89
N LEU B 102 23.97 -13.29 6.06
CA LEU B 102 24.05 -13.81 4.70
C LEU B 102 25.26 -14.75 4.62
N SER B 103 25.15 -15.78 3.80
CA SER B 103 26.19 -16.77 3.62
C SER B 103 26.42 -17.04 2.15
N GLY B 104 27.67 -17.27 1.78
CA GLY B 104 27.98 -17.61 0.41
C GLY B 104 27.91 -16.44 -0.54
N LEU B 105 28.88 -15.52 -0.41
CA LEU B 105 28.96 -14.36 -1.29
C LEU B 105 29.33 -14.77 -2.71
N ARG B 106 28.77 -14.04 -3.67
CA ARG B 106 29.29 -14.05 -5.03
C ARG B 106 29.65 -12.63 -5.37
N SER B 107 30.12 -12.43 -6.62
CA SER B 107 30.36 -11.09 -7.11
C SER B 107 29.06 -10.35 -7.35
N ASP B 108 27.94 -11.07 -7.47
CA ASP B 108 26.63 -10.45 -7.56
C ASP B 108 26.24 -9.78 -6.25
N ASP B 109 26.68 -10.34 -5.12
CA ASP B 109 26.27 -9.86 -3.80
C ASP B 109 27.25 -8.86 -3.21
N THR B 110 27.95 -8.12 -4.08
CA THR B 110 28.81 -7.03 -3.66
C THR B 110 28.02 -5.74 -3.77
N ALA B 111 27.81 -5.06 -2.65
CA ALA B 111 26.84 -3.97 -2.60
C ALA B 111 27.14 -3.08 -1.41
N VAL B 112 26.27 -2.10 -1.20
CA VAL B 112 26.25 -1.28 0.01
C VAL B 112 24.93 -1.56 0.71
N TYR B 113 24.99 -1.99 1.96
CA TYR B 113 23.80 -2.45 2.68
C TYR B 113 23.22 -1.31 3.49
N TYR B 114 21.98 -0.93 3.16
CA TYR B 114 21.30 0.18 3.80
C TYR B 114 20.27 -0.35 4.77
N CYS B 115 20.31 0.13 6.00
CA CYS B 115 19.27 -0.10 6.98
C CYS B 115 18.34 1.11 6.97
N ALA B 116 17.04 0.86 7.01
CA ALA B 116 16.08 1.94 6.87
C ALA B 116 14.94 1.77 7.86
N ARG B 117 14.22 2.85 8.09
CA ARG B 117 13.04 2.83 8.95
C ARG B 117 11.82 2.48 8.09
N ASP B 118 10.63 2.67 8.61
CA ASP B 118 9.42 2.40 7.86
C ASP B 118 8.49 3.59 7.72
N ARG B 119 8.60 4.59 8.60
CA ARG B 119 7.79 5.81 8.61
C ARG B 119 6.30 5.47 8.69
N PHE B 120 5.94 4.79 9.76
CA PHE B 120 4.55 4.58 10.08
C PHE B 120 4.41 4.40 11.58
N PRO B 121 4.01 5.43 12.31
CA PRO B 121 3.80 5.29 13.75
C PRO B 121 2.52 4.55 14.08
N LEU B 122 2.56 3.22 14.08
CA LEU B 122 1.40 2.42 14.45
C LEU B 122 1.23 2.43 15.97
N SER B 123 0.05 2.84 16.43
CA SER B 123 -0.22 2.89 17.87
C SER B 123 -0.90 1.62 18.34
N ASP B 124 -2.12 1.38 17.85
CA ASP B 124 -2.78 0.11 18.08
C ASP B 124 -2.16 -0.94 17.17
N PRO B 125 -1.96 -2.22 17.65
CA PRO B 125 -0.95 -3.13 17.10
C PRO B 125 -0.79 -3.26 15.59
N TYR B 126 -1.83 -3.62 14.85
CA TYR B 126 -1.71 -3.70 13.39
C TYR B 126 -3.11 -3.62 12.79
N VAL B 127 -3.46 -2.47 12.22
CA VAL B 127 -4.65 -2.40 11.39
C VAL B 127 -4.28 -2.94 10.02
N TRP B 128 -5.12 -3.81 9.47
CA TRP B 128 -4.82 -4.54 8.25
C TRP B 128 -4.66 -3.67 7.02
N GLY B 129 -3.44 -3.59 6.48
CA GLY B 129 -3.21 -2.79 5.31
C GLY B 129 -2.49 -1.51 5.65
N SER B 130 -1.51 -1.61 6.54
CA SER B 130 -0.70 -0.46 6.85
C SER B 130 0.24 -0.15 5.68
N PRO B 131 0.60 1.12 5.48
CA PRO B 131 1.50 1.44 4.38
C PRO B 131 2.92 1.06 4.70
N LEU B 132 3.22 -0.24 4.63
CA LEU B 132 4.59 -0.68 4.79
C LEU B 132 5.42 -0.22 3.60
N GLY B 133 6.70 -0.02 3.84
CA GLY B 133 7.49 0.74 2.90
C GLY B 133 7.38 2.21 3.23
N GLY B 134 8.02 3.03 2.41
CA GLY B 134 8.11 4.42 2.76
C GLY B 134 9.30 4.59 3.68
N LEU B 135 10.45 4.18 3.16
CA LEU B 135 11.66 4.07 3.97
C LEU B 135 12.24 5.47 4.16
N ASP B 136 12.15 5.99 5.39
CA ASP B 136 12.39 7.41 5.61
C ASP B 136 13.80 7.70 6.12
N VAL B 137 14.23 7.01 7.17
CA VAL B 137 15.32 7.49 8.00
C VAL B 137 16.45 6.48 7.77
N TRP B 138 16.71 6.21 6.49
CA TRP B 138 17.81 5.39 6.01
C TRP B 138 19.10 5.60 6.79
N GLY B 139 19.76 4.50 7.10
CA GLY B 139 21.03 4.57 7.79
C GLY B 139 22.15 4.97 6.86
N GLN B 140 23.34 5.12 7.46
CA GLN B 140 24.51 5.63 6.75
C GLN B 140 25.06 4.64 5.73
N GLY B 141 24.68 3.37 5.81
CA GLY B 141 25.11 2.38 4.84
C GLY B 141 26.48 1.82 5.12
N THR B 142 26.63 0.50 4.96
CA THR B 142 27.90 -0.17 5.08
C THR B 142 28.13 -1.03 3.85
N THR B 143 29.39 -1.34 3.57
CA THR B 143 29.82 -1.92 2.31
C THR B 143 30.33 -3.34 2.51
N VAL B 144 29.89 -4.26 1.65
CA VAL B 144 30.43 -5.61 1.60
C VAL B 144 31.32 -5.72 0.36
N ILE B 145 32.48 -6.34 0.53
CA ILE B 145 33.44 -6.55 -0.54
C ILE B 145 33.83 -8.02 -0.53
N VAL B 146 33.82 -8.65 -1.70
CA VAL B 146 34.04 -10.09 -1.80
C VAL B 146 35.49 -10.46 -2.04
N ASP C 22 6.05 -6.55 -10.20
CA ASP C 22 7.34 -6.11 -10.73
C ASP C 22 7.17 -4.77 -11.43
N LEU C 23 8.14 -3.88 -11.24
CA LEU C 23 8.00 -2.47 -11.59
C LEU C 23 9.03 -2.08 -12.63
N THR C 24 8.55 -1.49 -13.73
CA THR C 24 9.40 -1.09 -14.84
C THR C 24 9.38 0.42 -14.99
N GLN C 25 10.47 0.96 -15.51
CA GLN C 25 10.73 2.39 -15.43
C GLN C 25 11.68 2.75 -16.57
N PRO C 26 11.52 3.93 -17.18
CA PRO C 26 12.47 4.39 -18.20
C PRO C 26 13.86 4.59 -17.62
N PRO C 27 14.90 4.26 -18.38
CA PRO C 27 16.26 4.25 -17.79
C PRO C 27 16.83 5.63 -17.52
N SER C 28 16.50 6.63 -18.33
CA SER C 28 17.00 7.98 -18.11
C SER C 28 16.10 8.98 -18.82
N VAL C 29 16.16 10.23 -18.35
CA VAL C 29 15.55 11.36 -19.01
C VAL C 29 16.59 12.49 -19.06
N SER C 30 16.38 13.43 -19.96
CA SER C 30 17.22 14.62 -20.07
C SER C 30 16.34 15.86 -20.02
N VAL C 31 16.80 16.87 -19.28
CA VAL C 31 16.03 18.10 -19.11
C VAL C 31 16.97 19.29 -19.02
N SER C 32 16.50 20.42 -19.54
CA SER C 32 17.16 21.71 -19.38
C SER C 32 16.42 22.50 -18.31
N PRO C 33 17.10 23.36 -17.52
CA PRO C 33 16.42 24.07 -16.41
C PRO C 33 15.30 24.99 -16.84
N GLY C 34 14.26 25.06 -16.01
CA GLY C 34 13.05 25.79 -16.32
C GLY C 34 11.98 24.96 -16.97
N GLN C 35 12.32 23.78 -17.48
CA GLN C 35 11.37 22.90 -18.13
C GLN C 35 10.62 22.07 -17.08
N THR C 36 9.89 21.06 -17.56
CA THR C 36 9.11 20.19 -16.70
C THR C 36 9.51 18.75 -16.96
N ALA C 37 9.97 18.06 -15.92
CA ALA C 37 10.39 16.67 -16.03
C ALA C 37 9.33 15.76 -15.44
N ARG C 38 8.94 14.74 -16.19
CA ARG C 38 7.89 13.81 -15.79
C ARG C 38 8.50 12.42 -15.67
N ILE C 39 8.92 12.06 -14.45
CA ILE C 39 9.39 10.71 -14.17
C ILE C 39 8.17 9.81 -14.02
N THR C 40 8.19 8.67 -14.68
CA THR C 40 7.05 7.76 -14.67
C THR C 40 7.48 6.36 -14.23
N CYS C 41 6.54 5.64 -13.61
CA CYS C 41 6.75 4.28 -13.14
C CYS C 41 5.49 3.47 -13.38
N SER C 42 5.62 2.34 -14.05
CA SER C 42 4.47 1.50 -14.37
C SER C 42 4.69 0.10 -13.84
N GLY C 43 3.67 -0.43 -13.17
CA GLY C 43 3.74 -1.76 -12.61
C GLY C 43 2.39 -2.46 -12.66
N ASP C 44 2.39 -3.76 -12.94
CA ASP C 44 1.14 -4.48 -13.08
C ASP C 44 0.49 -4.73 -11.73
N ALA C 45 1.28 -4.77 -10.66
CA ALA C 45 0.76 -4.97 -9.32
C ALA C 45 0.60 -3.66 -8.59
N LEU C 46 0.25 -2.60 -9.30
CA LEU C 46 -0.03 -1.32 -8.68
C LEU C 46 -1.40 -0.71 -9.05
N PRO C 47 -2.55 -1.44 -9.10
CA PRO C 47 -3.80 -0.70 -8.92
C PRO C 47 -4.01 -0.40 -7.46
N SER C 48 -3.56 -1.31 -6.60
CA SER C 48 -3.77 -1.20 -5.16
C SER C 48 -2.46 -1.42 -4.44
N GLN C 49 -1.64 -0.36 -4.38
CA GLN C 49 -0.45 -0.15 -3.56
C GLN C 49 -0.01 1.29 -3.71
N TYR C 50 0.54 1.84 -2.64
CA TYR C 50 1.08 3.19 -2.73
C TYR C 50 2.43 3.15 -3.45
N VAL C 51 2.86 4.30 -3.95
CA VAL C 51 4.14 4.45 -4.61
C VAL C 51 4.93 5.51 -3.88
N TYR C 52 6.17 5.20 -3.55
CA TYR C 52 7.03 6.07 -2.76
C TYR C 52 8.28 6.33 -3.59
N TRP C 53 8.62 7.60 -3.78
CA TRP C 53 9.72 7.95 -4.66
C TRP C 53 10.94 8.30 -3.83
N TYR C 54 12.10 7.81 -4.24
CA TYR C 54 13.34 8.11 -3.55
C TYR C 54 14.31 8.79 -4.49
N GLN C 55 14.98 9.82 -4.00
CA GLN C 55 15.86 10.67 -4.80
C GLN C 55 17.29 10.48 -4.31
N GLN C 56 18.03 9.59 -4.96
CA GLN C 56 19.40 9.30 -4.54
C GLN C 56 20.37 10.11 -5.39
N ARG C 57 21.03 11.07 -4.77
CA ARG C 57 22.17 11.71 -5.40
C ARG C 57 23.33 10.72 -5.44
N PRO C 58 24.22 10.79 -6.44
CA PRO C 58 25.28 9.79 -6.55
C PRO C 58 26.32 9.91 -5.44
N GLY C 59 26.32 8.93 -4.53
CA GLY C 59 27.32 8.89 -3.49
C GLY C 59 26.77 8.63 -2.09
N GLN C 60 25.59 9.14 -1.79
CA GLN C 60 25.04 9.06 -0.45
C GLN C 60 23.72 8.28 -0.43
N ALA C 61 23.20 8.08 0.78
CA ALA C 61 22.01 7.30 0.98
C ALA C 61 20.78 7.98 0.41
N PRO C 62 19.83 7.23 -0.12
CA PRO C 62 18.63 7.84 -0.70
C PRO C 62 17.74 8.47 0.36
N VAL C 63 16.94 9.43 -0.07
CA VAL C 63 15.99 10.11 0.79
C VAL C 63 14.60 9.98 0.18
N LEU C 64 13.60 9.81 1.04
CA LEU C 64 12.23 9.80 0.58
C LEU C 64 11.85 11.20 0.12
N VAL C 65 11.66 11.36 -1.18
CA VAL C 65 11.35 12.65 -1.77
C VAL C 65 9.85 12.85 -1.96
N MET C 66 9.08 11.77 -1.97
CA MET C 66 7.71 11.83 -2.44
C MET C 66 7.06 10.52 -2.02
N TYR C 67 5.89 10.55 -1.38
CA TYR C 67 5.37 9.33 -0.79
C TYR C 67 3.85 9.29 -0.85
N LYS C 68 3.31 8.07 -0.80
CA LYS C 68 1.88 7.78 -0.73
C LYS C 68 1.08 8.35 -1.91
N ASP C 69 1.72 8.48 -3.08
CA ASP C 69 1.19 8.90 -4.39
C ASP C 69 0.80 10.36 -4.51
N SER C 70 0.65 11.07 -3.38
CA SER C 70 0.26 12.46 -3.47
C SER C 70 0.89 13.34 -2.41
N GLU C 71 1.60 12.79 -1.45
CA GLU C 71 1.91 13.52 -0.23
C GLU C 71 3.40 13.81 -0.16
N ARG C 72 3.74 14.77 0.66
CA ARG C 72 5.06 15.37 0.62
C ARG C 72 5.63 15.40 2.02
N PRO C 73 6.79 14.78 2.26
CA PRO C 73 7.36 14.81 3.60
C PRO C 73 7.90 16.19 3.92
N PRO C 74 8.00 16.54 5.21
CA PRO C 74 8.63 17.82 5.56
C PRO C 74 10.12 17.81 5.23
N GLY C 75 10.62 18.99 4.88
CA GLY C 75 11.99 19.12 4.41
C GLY C 75 12.15 19.07 2.92
N ILE C 76 11.06 19.06 2.18
CA ILE C 76 11.07 19.04 0.71
C ILE C 76 10.47 20.36 0.24
N PRO C 77 11.04 21.01 -0.78
CA PRO C 77 10.40 22.19 -1.37
C PRO C 77 9.07 21.81 -2.02
N GLU C 78 8.15 22.77 -2.06
CA GLU C 78 6.81 22.54 -2.60
C GLU C 78 6.82 22.55 -4.12
N ARG C 79 7.52 21.56 -4.68
CA ARG C 79 7.67 21.40 -6.11
C ARG C 79 7.47 19.95 -6.55
N PHE C 80 7.70 18.99 -5.66
CA PHE C 80 7.66 17.57 -5.98
C PHE C 80 6.24 17.07 -5.83
N SER C 81 5.59 16.80 -6.96
CA SER C 81 4.22 16.32 -6.99
C SER C 81 4.19 14.82 -7.31
N GLY C 82 2.99 14.28 -7.44
CA GLY C 82 2.83 12.89 -7.78
C GLY C 82 1.43 12.62 -8.28
N SER C 83 1.30 11.56 -9.08
CA SER C 83 0.01 11.23 -9.70
C SER C 83 -0.01 9.74 -10.00
N THR C 84 -1.07 9.06 -9.61
CA THR C 84 -1.22 7.64 -9.90
C THR C 84 -2.59 7.39 -10.52
N SER C 85 -2.93 8.17 -11.53
CA SER C 85 -4.14 7.93 -12.30
C SER C 85 -3.96 6.67 -13.14
N GLY C 86 -4.49 5.56 -12.66
CA GLY C 86 -4.40 4.30 -13.36
C GLY C 86 -3.44 3.34 -12.66
N THR C 87 -2.66 2.62 -13.45
CA THR C 87 -1.66 1.69 -12.95
C THR C 87 -0.26 2.17 -13.32
N THR C 88 -0.08 3.49 -13.39
CA THR C 88 1.20 4.06 -13.80
C THR C 88 1.42 5.34 -12.99
N ALA C 89 2.20 5.21 -11.91
CA ALA C 89 2.51 6.37 -11.10
C ALA C 89 3.50 7.27 -11.82
N THR C 90 3.31 8.58 -11.69
CA THR C 90 4.21 9.56 -12.26
C THR C 90 4.62 10.58 -11.20
N LEU C 91 5.87 11.03 -11.28
CA LEU C 91 6.33 12.18 -10.53
C LEU C 91 6.56 13.29 -11.54
N THR C 92 6.33 14.54 -11.13
CA THR C 92 6.46 15.68 -12.02
C THR C 92 7.23 16.79 -11.31
N ILE C 93 8.29 17.27 -11.94
CA ILE C 93 9.09 18.37 -11.40
C ILE C 93 8.77 19.59 -12.25
N THR C 94 8.21 20.63 -11.64
CA THR C 94 7.89 21.85 -12.37
C THR C 94 8.99 22.87 -12.14
N GLY C 95 9.72 23.21 -13.20
CA GLY C 95 10.84 24.12 -13.04
C GLY C 95 12.05 23.45 -12.41
N VAL C 96 12.67 22.53 -13.16
CA VAL C 96 13.81 21.77 -12.69
C VAL C 96 14.99 22.70 -12.45
N GLN C 97 15.59 22.61 -11.26
CA GLN C 97 16.79 23.38 -10.98
C GLN C 97 18.03 22.55 -11.26
N ALA C 98 19.19 23.08 -10.93
CA ALA C 98 20.45 22.43 -11.22
C ALA C 98 20.87 21.43 -10.16
N GLU C 99 20.17 21.36 -9.03
CA GLU C 99 20.50 20.43 -7.96
C GLU C 99 19.62 19.20 -7.95
N ASP C 100 18.68 19.08 -8.89
CA ASP C 100 17.81 17.92 -8.99
C ASP C 100 18.33 16.87 -9.95
N GLU C 101 19.65 16.80 -10.13
CA GLU C 101 20.26 15.82 -11.02
C GLU C 101 20.61 14.60 -10.19
N ALA C 102 19.66 13.67 -10.08
CA ALA C 102 19.80 12.51 -9.22
C ALA C 102 18.92 11.39 -9.73
N ASP C 103 19.11 10.19 -9.17
CA ASP C 103 18.28 9.05 -9.50
C ASP C 103 16.89 9.21 -8.89
N TYR C 104 15.92 8.51 -9.47
CA TYR C 104 14.54 8.54 -8.97
C TYR C 104 13.94 7.15 -9.06
N TYR C 105 14.01 6.40 -7.97
CA TYR C 105 13.45 5.07 -7.91
C TYR C 105 12.02 5.13 -7.41
N CYS C 106 11.10 4.62 -8.20
CA CYS C 106 9.77 4.37 -7.67
C CYS C 106 9.82 3.14 -6.79
N GLN C 107 8.77 2.97 -6.00
CA GLN C 107 8.68 1.82 -5.09
C GLN C 107 7.23 1.40 -5.02
N SER C 108 7.01 0.16 -4.62
CA SER C 108 5.68 -0.34 -4.36
C SER C 108 5.83 -1.45 -3.35
N ALA C 109 4.87 -2.36 -3.32
CA ALA C 109 5.09 -3.69 -2.79
C ALA C 109 4.67 -4.65 -3.89
N ASP C 110 4.53 -5.93 -3.57
CA ASP C 110 3.70 -6.78 -4.40
C ASP C 110 2.25 -6.44 -4.10
N ALA C 111 1.32 -7.19 -4.69
CA ALA C 111 -0.07 -6.80 -4.48
C ALA C 111 -0.57 -7.12 -3.08
N SER C 112 0.16 -7.90 -2.28
CA SER C 112 -0.33 -8.10 -0.93
C SER C 112 0.09 -6.99 0.02
N THR C 113 1.27 -7.09 0.64
CA THR C 113 2.08 -5.95 1.04
C THR C 113 3.53 -6.38 1.16
N THR C 114 3.80 -7.64 0.88
CA THR C 114 5.13 -8.20 1.05
C THR C 114 5.93 -8.09 -0.22
N TYR C 115 7.25 -8.31 -0.09
CA TYR C 115 8.21 -8.26 -1.19
C TYR C 115 8.18 -6.92 -1.90
N HIS C 116 8.59 -5.87 -1.19
CA HIS C 116 8.70 -4.53 -1.78
C HIS C 116 9.68 -4.52 -2.94
N VAL C 117 9.33 -3.80 -3.99
CA VAL C 117 10.11 -3.76 -5.21
C VAL C 117 10.47 -2.31 -5.51
N PHE C 118 11.71 -2.09 -5.93
CA PHE C 118 12.15 -0.76 -6.35
C PHE C 118 12.05 -0.67 -7.86
N GLY C 119 12.60 0.39 -8.45
CA GLY C 119 12.40 0.62 -9.87
C GLY C 119 13.65 0.57 -10.72
N GLY C 120 13.54 1.08 -11.95
CA GLY C 120 14.61 1.03 -12.92
C GLY C 120 15.83 1.86 -12.58
N GLY C 121 15.62 3.07 -12.06
CA GLY C 121 16.75 3.92 -11.74
C GLY C 121 16.96 5.10 -12.67
N THR C 122 15.89 5.83 -12.97
CA THR C 122 15.93 6.95 -13.91
C THR C 122 16.88 8.07 -13.51
N LYS C 123 17.88 8.32 -14.36
CA LYS C 123 18.81 9.42 -14.18
C LYS C 123 18.25 10.70 -14.79
N VAL C 124 18.36 11.80 -14.05
CA VAL C 124 17.91 13.12 -14.50
C VAL C 124 19.14 13.97 -14.76
N THR C 125 19.24 14.47 -15.99
CA THR C 125 20.34 15.36 -16.36
C THR C 125 19.81 16.61 -17.04
C1 NAG D . -2.25 -9.04 6.59
C2 NAG D . -2.48 -10.52 6.73
C3 NAG D . -2.16 -11.00 8.12
C4 NAG D . -0.84 -10.48 8.65
C5 NAG D . -0.69 -9.00 8.39
C6 NAG D . 0.73 -8.52 8.63
C7 NAG D . -4.18 -11.82 5.68
C8 NAG D . -5.54 -11.78 5.06
N2 NAG D . -3.87 -10.81 6.46
O3 NAG D . -2.06 -12.42 8.01
O4 NAG D . -0.83 -10.69 10.06
O5 NAG D . -0.92 -8.75 7.02
O6 NAG D . 1.65 -9.53 8.21
O7 NAG D . -3.40 -12.72 5.47
C1 NAG D . -0.05 -11.85 10.43
C2 NAG D . 0.35 -11.67 11.86
C3 NAG D . 1.16 -12.86 12.30
C4 NAG D . 0.28 -14.09 12.17
C5 NAG D . -0.19 -14.21 10.74
C6 NAG D . -1.14 -15.39 10.58
C7 NAG D . 0.63 -9.45 12.66
C8 NAG D . 1.50 -8.22 12.77
N2 NAG D . 1.14 -10.47 12.00
O3 NAG D . 1.55 -12.67 13.66
O4 NAG D . 0.99 -15.28 12.53
O5 NAG D . -0.87 -13.02 10.36
O6 NAG D . -2.51 -14.96 10.69
O7 NAG D . -0.48 -9.52 13.16
C1 FUC D . 2.65 -9.00 7.30
C2 FUC D . 3.77 -10.00 7.29
C3 FUC D . 3.16 -11.37 7.09
C4 FUC D . 2.24 -11.43 5.87
C5 FUC D . 1.44 -10.14 5.65
C6 FUC D . 0.94 -10.05 4.21
O2 FUC D . 4.44 -9.94 8.54
O3 FUC D . 4.22 -12.32 6.93
O4 FUC D . 3.03 -11.71 4.71
O5 FUC D . 2.22 -8.99 5.94
#